data_5QHW
#
_entry.id   5QHW
#
_cell.length_a   34.067
_cell.length_b   41.417
_cell.length_c   110.996
_cell.angle_alpha   90.000
_cell.angle_beta   90.000
_cell.angle_gamma   90.000
#
_symmetry.space_group_name_H-M   'P 21 21 21'
#
loop_
_entity.id
_entity.type
_entity.pdbx_description
1 polymer 'Poly [ADP-ribose] polymerase 14'
2 non-polymer 'CHLORIDE ION'
3 non-polymer 'DIMETHYL SULFOXIDE'
4 non-polymer 2-methyl-~{N}-(2-methylpropyl)imidazo[1,2-a]pyridine-3-carboxamide
5 water water
#
_entity_poly.entity_id   1
_entity_poly.type   'polypeptide(L)'
_entity_poly.pdbx_seq_one_letter_code
;SMFYGTVSSPDSGVYEMKIGSIIFQVASGDITKEEADVIVNSTSNSFNLKAGVSKAILECAGQNVERECSQQAQQRKNDY
IITGGGFLRCKNIIHVIGGNDVKSSVSSVLQECEKKNYSSICLPAIGTGNAKQHPDKVAEAIIDAIEDFVQKGSAQSVKK
VKVVIFLPQVLDVFYANMKKREG
;
_entity_poly.pdbx_strand_id   A
#
# COMPACT_ATOMS: atom_id res chain seq x y z
N MET A 2 19.38 10.68 -8.74
CA MET A 2 18.68 11.96 -8.41
C MET A 2 17.87 12.00 -7.08
N PHE A 3 17.34 10.83 -6.67
CA PHE A 3 16.41 10.67 -5.52
C PHE A 3 16.77 9.57 -4.49
N TYR A 4 17.49 8.52 -4.89
CA TYR A 4 17.63 7.29 -4.07
C TYR A 4 18.82 7.32 -3.12
N GLY A 5 18.56 6.94 -1.87
CA GLY A 5 19.59 6.69 -0.86
C GLY A 5 20.12 5.26 -0.92
N THR A 6 20.48 4.73 0.25
CA THR A 6 21.18 3.45 0.39
C THR A 6 20.24 2.43 1.07
N VAL A 7 20.26 1.17 0.58
CA VAL A 7 19.49 0.09 1.22
C VAL A 7 20.20 -0.42 2.51
N SER A 8 19.51 -0.43 3.64
CA SER A 8 20.01 -1.03 4.89
C SER A 8 18.89 -1.73 5.65
N SER A 9 19.25 -2.39 6.75
CA SER A 9 18.27 -3.10 7.60
C SER A 9 18.29 -2.53 9.04
N PRO A 10 17.22 -1.78 9.42
CA PRO A 10 17.21 -1.13 10.76
C PRO A 10 16.74 -2.03 11.89
N ASP A 11 16.06 -3.12 11.53
CA ASP A 11 15.46 -4.05 12.46
C ASP A 11 15.39 -5.39 11.76
N SER A 12 15.29 -6.46 12.54
CA SER A 12 15.25 -7.81 12.00
C SER A 12 14.08 -7.97 11.00
N GLY A 13 14.39 -8.39 9.78
CA GLY A 13 13.41 -8.58 8.72
C GLY A 13 12.91 -7.33 8.01
N VAL A 14 13.45 -6.15 8.34
CA VAL A 14 13.00 -4.89 7.73
C VAL A 14 14.15 -4.31 6.87
N TYR A 15 13.85 -3.86 5.64
CA TYR A 15 14.85 -3.25 4.74
C TYR A 15 14.31 -1.89 4.29
N GLU A 16 15.18 -0.89 4.24
CA GLU A 16 14.72 0.48 3.97
C GLU A 16 15.69 1.26 3.10
N MET A 17 15.17 2.28 2.42
CA MET A 17 15.99 3.26 1.70
C MET A 17 15.23 4.59 1.62
N LYS A 18 15.94 5.71 1.56
CA LYS A 18 15.30 6.97 1.27
C LYS A 18 14.98 7.13 -0.23
N ILE A 19 13.80 7.72 -0.51
CA ILE A 19 13.40 8.16 -1.86
C ILE A 19 13.01 9.63 -1.67
N GLY A 20 13.92 10.55 -2.03
CA GLY A 20 13.77 11.94 -1.63
C GLY A 20 13.70 12.02 -0.11
N SER A 21 12.67 12.70 0.41
CA SER A 21 12.47 12.86 1.85
C SER A 21 11.74 11.68 2.52
N ILE A 22 11.22 10.74 1.72
CA ILE A 22 10.35 9.64 2.23
C ILE A 22 11.23 8.43 2.60
N ILE A 23 10.97 7.82 3.76
N ILE A 23 10.99 7.82 3.75
CA ILE A 23 11.56 6.51 4.11
CA ILE A 23 11.62 6.51 4.04
C ILE A 23 10.67 5.39 3.51
C ILE A 23 10.69 5.41 3.50
N PHE A 24 11.22 4.59 2.58
CA PHE A 24 10.54 3.46 1.97
C PHE A 24 11.07 2.17 2.63
N GLN A 25 10.14 1.38 3.18
CA GLN A 25 10.49 0.14 3.89
C GLN A 25 9.72 -1.06 3.31
N VAL A 26 10.34 -2.25 3.41
CA VAL A 26 9.70 -3.52 3.09
C VAL A 26 9.98 -4.55 4.21
N ALA A 27 9.02 -5.44 4.45
CA ALA A 27 9.13 -6.54 5.43
C ALA A 27 8.11 -7.62 5.08
N SER A 28 8.32 -8.85 5.55
N SER A 28 8.32 -8.83 5.58
N SER A 28 8.33 -8.85 5.54
CA SER A 28 7.30 -9.91 5.44
CA SER A 28 7.32 -9.91 5.46
CA SER A 28 7.29 -9.89 5.45
C SER A 28 6.55 -10.06 6.76
C SER A 28 6.55 -10.03 6.78
C SER A 28 6.51 -9.94 6.77
N GLY A 29 5.25 -10.34 6.68
CA GLY A 29 4.41 -10.52 7.86
C GLY A 29 2.94 -10.32 7.57
N ASP A 30 2.18 -10.18 8.66
CA ASP A 30 0.74 -10.01 8.63
C ASP A 30 0.38 -8.50 8.71
N ILE A 31 -0.11 -7.95 7.59
CA ILE A 31 -0.43 -6.50 7.51
C ILE A 31 -1.47 -6.04 8.55
N THR A 32 -2.36 -6.96 9.00
CA THR A 32 -3.40 -6.60 9.95
C THR A 32 -2.88 -6.26 11.35
N LYS A 33 -1.60 -6.55 11.61
CA LYS A 33 -0.96 -6.25 12.89
C LYS A 33 -0.22 -4.90 12.89
N GLU A 34 -0.21 -4.21 11.74
CA GLU A 34 0.52 -2.95 11.58
C GLU A 34 -0.30 -1.74 12.07
N GLU A 35 0.44 -0.70 12.50
CA GLU A 35 -0.14 0.61 12.84
C GLU A 35 0.36 1.63 11.79
N ALA A 36 -0.56 2.42 11.20
CA ALA A 36 -0.20 3.49 10.24
C ALA A 36 -1.41 4.41 10.11
N ASP A 37 -1.22 5.62 9.57
CA ASP A 37 -2.38 6.49 9.32
C ASP A 37 -3.36 5.83 8.33
N VAL A 38 -2.81 5.27 7.23
CA VAL A 38 -3.59 4.54 6.22
C VAL A 38 -3.02 3.12 6.05
N ILE A 39 -3.94 2.12 6.00
CA ILE A 39 -3.65 0.77 5.51
C ILE A 39 -4.38 0.60 4.18
N VAL A 40 -3.69 0.01 3.21
CA VAL A 40 -4.28 -0.27 1.89
C VAL A 40 -4.76 -1.72 1.78
N ASN A 41 -5.98 -1.90 1.23
CA ASN A 41 -6.53 -3.21 0.91
C ASN A 41 -6.50 -3.38 -0.61
N SER A 42 -6.09 -4.59 -1.09
CA SER A 42 -6.09 -4.96 -2.51
C SER A 42 -7.30 -5.89 -2.76
N THR A 43 -8.34 -5.37 -3.42
CA THR A 43 -9.64 -6.04 -3.54
C THR A 43 -10.08 -6.14 -4.99
N SER A 44 -11.34 -6.51 -5.21
CA SER A 44 -11.95 -6.66 -6.54
C SER A 44 -12.69 -5.39 -6.95
N ASN A 45 -13.14 -5.33 -8.21
CA ASN A 45 -13.86 -4.14 -8.68
C ASN A 45 -15.24 -3.97 -7.99
N SER A 46 -15.70 -5.00 -7.27
CA SER A 46 -16.90 -4.95 -6.43
C SER A 46 -16.69 -4.52 -4.94
N PHE A 47 -15.42 -4.40 -4.54
CA PHE A 47 -15.01 -4.03 -3.18
C PHE A 47 -15.53 -4.98 -2.09
N ASN A 48 -15.74 -6.24 -2.46
CA ASN A 48 -16.29 -7.26 -1.51
C ASN A 48 -15.47 -8.60 -1.58
N LEU A 49 -14.26 -8.59 -2.13
CA LEU A 49 -13.36 -9.78 -2.12
C LEU A 49 -13.03 -10.16 -0.65
N LYS A 50 -13.02 -11.45 -0.32
CA LYS A 50 -12.60 -11.91 1.00
C LYS A 50 -11.75 -13.17 0.80
N ALA A 51 -10.59 -12.97 0.17
CA ALA A 51 -9.64 -14.03 -0.18
C ALA A 51 -8.19 -13.52 0.06
N GLY A 52 -7.36 -14.32 0.72
CA GLY A 52 -5.98 -13.94 0.96
C GLY A 52 -5.87 -12.71 1.86
N VAL A 53 -5.09 -11.72 1.44
CA VAL A 53 -4.88 -10.53 2.26
C VAL A 53 -6.24 -9.79 2.51
N SER A 54 -7.10 -9.70 1.49
CA SER A 54 -8.42 -9.07 1.67
C SER A 54 -9.33 -9.78 2.71
N LYS A 55 -9.22 -11.11 2.78
CA LYS A 55 -9.95 -11.84 3.84
C LYS A 55 -9.49 -11.41 5.23
N ALA A 56 -8.16 -11.37 5.41
CA ALA A 56 -7.57 -10.94 6.68
C ALA A 56 -7.95 -9.50 7.07
N ILE A 57 -7.87 -8.60 6.09
CA ILE A 57 -8.21 -7.19 6.33
C ILE A 57 -9.71 -7.04 6.71
N LEU A 58 -10.63 -7.62 5.94
CA LEU A 58 -12.07 -7.40 6.25
C LEU A 58 -12.50 -8.09 7.55
N GLU A 59 -11.98 -9.29 7.81
CA GLU A 59 -12.29 -9.99 9.07
C GLU A 59 -11.79 -9.21 10.33
N CYS A 60 -10.56 -8.69 10.24
N CYS A 60 -10.54 -8.71 10.32
CA CYS A 60 -10.01 -7.95 11.38
CA CYS A 60 -10.01 -7.89 11.45
C CYS A 60 -10.58 -6.52 11.50
C CYS A 60 -10.67 -6.51 11.53
N ALA A 61 -10.92 -5.87 10.38
CA ALA A 61 -11.53 -4.52 10.39
C ALA A 61 -12.97 -4.55 10.94
N GLY A 62 -13.73 -5.58 10.56
CA GLY A 62 -15.06 -5.83 11.10
C GLY A 62 -16.18 -5.48 10.16
N GLN A 63 -17.38 -5.82 10.60
CA GLN A 63 -18.57 -5.77 9.78
C GLN A 63 -18.99 -4.34 9.40
N ASN A 64 -18.71 -3.34 10.26
CA ASN A 64 -19.04 -1.96 9.88
C ASN A 64 -18.24 -1.47 8.64
N VAL A 65 -16.98 -1.86 8.54
CA VAL A 65 -16.15 -1.54 7.35
C VAL A 65 -16.67 -2.29 6.11
N GLU A 66 -17.04 -3.58 6.27
CA GLU A 66 -17.62 -4.34 5.14
C GLU A 66 -18.85 -3.63 4.59
N ARG A 67 -19.72 -3.19 5.51
CA ARG A 67 -20.94 -2.47 5.12
C ARG A 67 -20.68 -1.12 4.43
N GLU A 68 -19.71 -0.34 4.94
CA GLU A 68 -19.32 0.95 4.32
C GLU A 68 -18.85 0.72 2.87
N CYS A 69 -18.03 -0.32 2.65
N CYS A 69 -18.05 -0.32 2.65
CA CYS A 69 -17.59 -0.69 1.29
CA CYS A 69 -17.58 -0.62 1.32
C CYS A 69 -18.72 -0.94 0.29
C CYS A 69 -18.70 -0.90 0.31
N SER A 70 -19.66 -1.78 0.69
N SER A 70 -19.63 -1.77 0.66
CA SER A 70 -20.74 -2.14 -0.24
CA SER A 70 -20.72 -2.09 -0.27
C SER A 70 -21.74 -0.99 -0.46
C SER A 70 -21.65 -0.90 -0.51
N GLN A 71 -21.87 -0.08 0.51
CA GLN A 71 -22.69 1.14 0.36
C GLN A 71 -22.09 2.12 -0.66
N GLN A 72 -20.78 2.36 -0.57
CA GLN A 72 -20.14 3.25 -1.54
C GLN A 72 -20.09 2.64 -2.95
N ALA A 73 -19.89 1.32 -3.03
CA ALA A 73 -19.81 0.63 -4.34
C ALA A 73 -21.13 0.76 -5.14
N GLN A 74 -22.26 0.78 -4.44
CA GLN A 74 -23.57 0.94 -5.11
C GLN A 74 -23.88 2.40 -5.51
N GLN A 75 -23.27 3.36 -4.82
CA GLN A 75 -23.51 4.80 -5.05
C GLN A 75 -22.99 5.34 -6.39
N ARG A 76 -21.84 4.84 -6.84
CA ARG A 76 -21.18 5.32 -8.05
C ARG A 76 -20.14 4.32 -8.53
N LYS A 77 -19.60 4.51 -9.73
CA LYS A 77 -18.44 3.73 -10.20
C LYS A 77 -17.15 4.31 -9.59
N ASN A 78 -16.48 3.54 -8.74
CA ASN A 78 -15.25 3.98 -8.07
C ASN A 78 -14.00 3.25 -8.60
N ASP A 79 -12.88 3.97 -8.76
CA ASP A 79 -11.57 3.32 -8.99
C ASP A 79 -10.97 2.83 -7.66
N TYR A 80 -11.36 3.48 -6.54
CA TYR A 80 -10.95 3.10 -5.17
C TYR A 80 -11.96 3.72 -4.19
N ILE A 81 -12.02 3.20 -2.98
N ILE A 81 -11.97 3.19 -2.96
CA ILE A 81 -12.87 3.82 -1.97
CA ILE A 81 -12.92 3.58 -1.90
C ILE A 81 -12.11 3.95 -0.64
C ILE A 81 -12.14 3.89 -0.59
N ILE A 82 -12.50 4.97 0.13
CA ILE A 82 -11.91 5.28 1.44
C ILE A 82 -12.98 4.99 2.52
N THR A 83 -12.65 4.15 3.51
CA THR A 83 -13.50 3.89 4.68
C THR A 83 -12.75 4.21 5.98
N GLY A 84 -13.45 4.17 7.10
CA GLY A 84 -12.81 4.12 8.39
C GLY A 84 -11.94 2.88 8.55
N GLY A 85 -11.16 2.86 9.62
CA GLY A 85 -10.27 1.76 9.90
C GLY A 85 -10.87 0.59 10.67
N GLY A 86 -12.11 0.76 11.18
CA GLY A 86 -12.71 -0.32 12.01
C GLY A 86 -11.81 -0.69 13.18
N PHE A 87 -11.63 -2.00 13.40
CA PHE A 87 -10.74 -2.51 14.43
C PHE A 87 -9.27 -2.74 14.01
N LEU A 88 -8.89 -2.23 12.83
CA LEU A 88 -7.46 -2.12 12.51
C LEU A 88 -6.85 -0.88 13.17
N ARG A 89 -5.52 -0.88 13.33
CA ARG A 89 -4.78 0.24 13.93
C ARG A 89 -4.43 1.29 12.86
N CYS A 90 -5.44 1.96 12.35
CA CYS A 90 -5.26 3.01 11.35
C CYS A 90 -6.44 3.99 11.44
N LYS A 91 -6.26 5.15 10.81
CA LYS A 91 -7.33 6.16 10.69
C LYS A 91 -8.28 5.92 9.51
N ASN A 92 -7.74 5.44 8.39
CA ASN A 92 -8.58 5.08 7.23
C ASN A 92 -7.98 3.87 6.53
N ILE A 93 -8.85 3.08 5.90
CA ILE A 93 -8.44 2.06 4.91
C ILE A 93 -8.75 2.60 3.51
N ILE A 94 -7.76 2.51 2.60
CA ILE A 94 -8.03 2.82 1.20
C ILE A 94 -8.05 1.48 0.44
N HIS A 95 -9.20 1.15 -0.15
CA HIS A 95 -9.43 -0.12 -0.86
C HIS A 95 -9.23 0.14 -2.36
N VAL A 96 -8.16 -0.45 -2.92
CA VAL A 96 -7.81 -0.30 -4.34
C VAL A 96 -8.12 -1.64 -5.06
N ILE A 97 -8.28 -1.53 -6.38
CA ILE A 97 -8.64 -2.72 -7.22
C ILE A 97 -7.35 -3.42 -7.65
N GLY A 98 -7.17 -4.67 -7.23
CA GLY A 98 -5.92 -5.39 -7.48
C GLY A 98 -5.54 -5.57 -8.95
N GLY A 99 -6.54 -5.66 -9.82
CA GLY A 99 -6.32 -5.81 -11.24
C GLY A 99 -5.99 -4.52 -11.99
N ASN A 100 -6.16 -3.35 -11.33
CA ASN A 100 -5.85 -2.06 -11.98
C ASN A 100 -4.33 -1.81 -12.05
N ASP A 101 -3.94 -0.83 -12.88
CA ASP A 101 -2.57 -0.36 -12.94
C ASP A 101 -2.08 0.02 -11.54
N VAL A 102 -1.03 -0.66 -11.09
CA VAL A 102 -0.55 -0.49 -9.70
C VAL A 102 0.10 0.88 -9.45
N LYS A 103 0.80 1.41 -10.46
CA LYS A 103 1.37 2.75 -10.35
C LYS A 103 0.28 3.78 -10.12
N SER A 104 -0.79 3.71 -10.92
N SER A 104 -0.79 3.70 -10.90
CA SER A 104 -1.95 4.62 -10.75
CA SER A 104 -1.92 4.62 -10.72
C SER A 104 -2.59 4.50 -9.36
C SER A 104 -2.58 4.50 -9.34
N SER A 105 -2.78 3.26 -8.88
CA SER A 105 -3.36 3.04 -7.55
C SER A 105 -2.51 3.66 -6.41
N VAL A 106 -1.19 3.44 -6.47
CA VAL A 106 -0.31 4.00 -5.44
C VAL A 106 -0.25 5.55 -5.51
N SER A 107 -0.20 6.10 -6.73
N SER A 107 -0.21 6.11 -6.74
CA SER A 107 -0.28 7.56 -6.89
CA SER A 107 -0.32 7.58 -6.89
C SER A 107 -1.56 8.15 -6.22
C SER A 107 -1.56 8.14 -6.20
N SER A 108 -2.70 7.49 -6.41
CA SER A 108 -3.96 7.93 -5.78
C SER A 108 -3.88 7.86 -4.23
N VAL A 109 -3.33 6.77 -3.69
CA VAL A 109 -3.13 6.63 -2.23
C VAL A 109 -2.30 7.79 -1.69
N LEU A 110 -1.17 8.08 -2.35
CA LEU A 110 -0.25 9.15 -1.90
C LEU A 110 -0.98 10.52 -1.86
N GLN A 111 -1.72 10.82 -2.93
CA GLN A 111 -2.44 12.08 -3.02
C GLN A 111 -3.53 12.23 -1.91
N GLU A 112 -4.26 11.14 -1.66
CA GLU A 112 -5.29 11.14 -0.62
C GLU A 112 -4.67 11.33 0.77
N CYS A 113 -3.47 10.76 0.97
CA CYS A 113 -2.79 10.95 2.27
C CYS A 113 -2.30 12.39 2.47
N GLU A 114 -1.80 13.05 1.40
CA GLU A 114 -1.45 14.49 1.50
C GLU A 114 -2.70 15.36 1.81
N LYS A 115 -3.83 15.03 1.19
N LYS A 115 -3.83 15.03 1.19
CA LYS A 115 -5.07 15.77 1.44
CA LYS A 115 -5.08 15.78 1.44
C LYS A 115 -5.49 15.73 2.93
C LYS A 115 -5.49 15.73 2.93
N LYS A 116 -5.18 14.62 3.63
CA LYS A 116 -5.51 14.45 5.05
C LYS A 116 -4.36 14.83 6.01
N ASN A 117 -3.23 15.31 5.47
CA ASN A 117 -2.02 15.63 6.26
C ASN A 117 -1.51 14.40 7.04
N TYR A 118 -1.62 13.22 6.42
CA TYR A 118 -1.11 11.97 7.02
C TYR A 118 0.39 11.76 6.74
N SER A 119 1.05 11.09 7.69
CA SER A 119 2.50 10.84 7.59
C SER A 119 2.93 9.42 7.26
N SER A 120 2.10 8.42 7.56
CA SER A 120 2.49 7.02 7.37
C SER A 120 1.43 6.20 6.61
N ILE A 121 1.96 5.30 5.76
CA ILE A 121 1.16 4.40 4.88
C ILE A 121 1.70 2.99 5.01
N CYS A 122 0.83 1.99 5.09
N CYS A 122 0.80 2.00 5.03
CA CYS A 122 1.26 0.58 4.96
CA CYS A 122 1.13 0.57 4.98
C CYS A 122 0.40 -0.06 3.85
C CYS A 122 0.36 -0.15 3.89
N LEU A 123 1.05 -0.77 2.94
CA LEU A 123 0.36 -1.46 1.82
C LEU A 123 0.86 -2.88 1.65
N PRO A 124 0.04 -3.75 1.03
CA PRO A 124 0.49 -5.08 0.65
C PRO A 124 1.17 -5.02 -0.74
N ALA A 125 1.64 -6.17 -1.26
CA ALA A 125 2.12 -6.27 -2.66
C ALA A 125 0.88 -6.32 -3.60
N ILE A 126 0.30 -5.14 -3.81
CA ILE A 126 -0.98 -4.94 -4.50
C ILE A 126 -0.99 -5.72 -5.82
N GLY A 127 -2.04 -6.52 -6.05
CA GLY A 127 -2.24 -7.22 -7.31
C GLY A 127 -1.60 -8.60 -7.44
N THR A 128 -0.81 -9.01 -6.44
CA THR A 128 -0.12 -10.31 -6.52
C THR A 128 -0.95 -11.49 -6.01
N GLY A 129 -2.10 -11.23 -5.39
CA GLY A 129 -3.03 -12.26 -4.92
C GLY A 129 -4.01 -12.70 -6.00
N ASN A 130 -5.31 -12.49 -5.77
CA ASN A 130 -6.34 -12.98 -6.75
C ASN A 130 -6.15 -12.39 -8.16
N ALA A 131 -5.65 -11.15 -8.27
CA ALA A 131 -5.43 -10.56 -9.59
C ALA A 131 -4.30 -11.19 -10.42
N LYS A 132 -3.37 -11.86 -9.74
CA LYS A 132 -2.30 -12.61 -10.41
C LYS A 132 -1.44 -11.73 -11.34
N GLN A 133 -1.11 -10.51 -10.88
CA GLN A 133 -0.04 -9.70 -11.49
C GLN A 133 1.35 -10.21 -11.03
N HIS A 134 2.34 -10.10 -11.90
N HIS A 134 2.36 -10.09 -11.92
CA HIS A 134 3.65 -10.66 -11.61
CA HIS A 134 3.76 -10.56 -11.65
C HIS A 134 4.41 -9.78 -10.57
C HIS A 134 4.41 -9.74 -10.53
N PRO A 135 5.00 -10.41 -9.51
CA PRO A 135 5.66 -9.65 -8.46
C PRO A 135 6.74 -8.64 -8.87
N ASP A 136 7.63 -8.89 -9.84
N ASP A 136 7.53 -8.98 -9.91
CA ASP A 136 8.61 -7.79 -10.18
CA ASP A 136 8.55 -8.06 -10.42
C ASP A 136 7.95 -6.63 -10.93
C ASP A 136 7.97 -6.74 -10.96
N LYS A 137 6.90 -6.88 -11.73
CA LYS A 137 6.16 -5.73 -12.31
C LYS A 137 5.47 -4.88 -11.22
N VAL A 138 4.93 -5.55 -10.19
CA VAL A 138 4.28 -4.87 -9.06
C VAL A 138 5.31 -4.05 -8.27
N ALA A 139 6.47 -4.65 -7.96
CA ALA A 139 7.52 -3.91 -7.24
C ALA A 139 7.98 -2.67 -8.02
N GLU A 140 8.22 -2.85 -9.32
CA GLU A 140 8.67 -1.75 -10.18
C GLU A 140 7.63 -0.59 -10.16
N ALA A 141 6.34 -0.95 -10.24
CA ALA A 141 5.25 0.05 -10.27
C ALA A 141 5.09 0.81 -8.94
N ILE A 142 5.17 0.11 -7.83
CA ILE A 142 5.02 0.75 -6.50
C ILE A 142 6.18 1.78 -6.30
N ILE A 143 7.42 1.35 -6.57
CA ILE A 143 8.56 2.24 -6.33
C ILE A 143 8.54 3.39 -7.36
N ASP A 144 8.19 3.14 -8.63
CA ASP A 144 8.05 4.20 -9.63
C ASP A 144 7.02 5.27 -9.18
N ALA A 145 5.87 4.86 -8.60
CA ALA A 145 4.87 5.84 -8.14
C ALA A 145 5.45 6.79 -7.08
N ILE A 146 6.21 6.22 -6.14
CA ILE A 146 6.82 7.04 -5.10
C ILE A 146 7.87 8.03 -5.70
N GLU A 147 8.71 7.53 -6.62
CA GLU A 147 9.69 8.41 -7.29
C GLU A 147 9.00 9.58 -8.03
N ASP A 148 7.92 9.27 -8.75
CA ASP A 148 7.18 10.32 -9.50
C ASP A 148 6.60 11.39 -8.54
N PHE A 149 6.03 10.92 -7.41
CA PHE A 149 5.43 11.81 -6.40
C PHE A 149 6.52 12.77 -5.82
N VAL A 150 7.70 12.22 -5.52
CA VAL A 150 8.83 13.00 -5.02
C VAL A 150 9.35 13.98 -6.10
N GLN A 151 9.49 13.51 -7.36
CA GLN A 151 10.02 14.35 -8.47
C GLN A 151 9.13 15.58 -8.68
N LYS A 152 7.81 15.42 -8.52
CA LYS A 152 6.84 16.54 -8.72
C LYS A 152 6.81 17.52 -7.53
N GLY A 153 7.53 17.21 -6.42
CA GLY A 153 7.58 18.06 -5.25
C GLY A 153 6.36 17.91 -4.36
N SER A 154 5.64 16.79 -4.47
CA SER A 154 4.37 16.62 -3.80
C SER A 154 4.47 16.11 -2.35
N ALA A 155 5.61 15.54 -1.97
CA ALA A 155 5.78 15.02 -0.61
C ALA A 155 5.93 16.19 0.36
N GLN A 156 4.99 16.30 1.30
N GLN A 156 4.98 16.32 1.28
CA GLN A 156 4.97 17.35 2.31
CA GLN A 156 4.98 17.35 2.32
C GLN A 156 4.69 16.71 3.66
C GLN A 156 4.67 16.71 3.67
N SER A 157 3.48 16.19 3.85
N SER A 157 3.45 16.19 3.84
CA SER A 157 3.14 15.46 5.07
CA SER A 157 3.09 15.44 5.05
C SER A 157 3.61 13.99 5.06
C SER A 157 3.59 13.99 5.06
N VAL A 158 3.60 13.30 3.90
CA VAL A 158 3.95 11.87 3.84
C VAL A 158 5.46 11.70 4.09
N LYS A 159 5.78 10.90 5.12
CA LYS A 159 7.18 10.63 5.55
C LYS A 159 7.62 9.16 5.47
N LYS A 160 6.67 8.22 5.54
CA LYS A 160 7.00 6.78 5.65
C LYS A 160 5.99 5.97 4.84
N VAL A 161 6.53 5.11 3.94
CA VAL A 161 5.71 4.20 3.14
C VAL A 161 6.29 2.79 3.33
N LYS A 162 5.49 1.86 3.89
CA LYS A 162 5.98 0.52 4.21
C LYS A 162 5.12 -0.52 3.47
N VAL A 163 5.78 -1.46 2.78
CA VAL A 163 5.11 -2.61 2.14
C VAL A 163 5.30 -3.81 3.07
N VAL A 164 4.18 -4.34 3.59
CA VAL A 164 4.21 -5.58 4.41
C VAL A 164 3.65 -6.70 3.51
N ILE A 165 4.47 -7.72 3.26
CA ILE A 165 4.33 -8.68 2.17
C ILE A 165 4.11 -10.09 2.79
N PHE A 166 3.01 -10.77 2.48
N PHE A 166 3.00 -10.72 2.39
CA PHE A 166 2.74 -12.04 3.19
CA PHE A 166 2.58 -12.01 2.93
C PHE A 166 3.73 -13.17 2.84
C PHE A 166 3.68 -13.10 2.79
N LEU A 167 4.15 -13.29 1.57
CA LEU A 167 5.15 -14.34 1.22
C LEU A 167 6.62 -13.85 1.22
N PRO A 168 7.50 -14.51 2.04
CA PRO A 168 8.92 -14.11 1.97
C PRO A 168 9.54 -14.11 0.56
N GLN A 169 9.10 -15.01 -0.32
CA GLN A 169 9.66 -15.02 -1.69
C GLN A 169 9.38 -13.72 -2.46
N VAL A 170 8.25 -13.08 -2.19
CA VAL A 170 7.90 -11.79 -2.82
C VAL A 170 8.74 -10.65 -2.21
N LEU A 171 9.01 -10.72 -0.91
CA LEU A 171 9.95 -9.78 -0.27
C LEU A 171 11.33 -9.79 -0.98
N ASP A 172 11.82 -10.98 -1.36
CA ASP A 172 13.12 -11.07 -2.04
C ASP A 172 13.10 -10.25 -3.36
N VAL A 173 12.01 -10.31 -4.12
CA VAL A 173 11.82 -9.55 -5.36
C VAL A 173 11.86 -8.02 -5.10
N PHE A 174 11.15 -7.56 -4.06
CA PHE A 174 11.19 -6.12 -3.68
C PHE A 174 12.61 -5.66 -3.29
N TYR A 175 13.29 -6.46 -2.48
CA TYR A 175 14.66 -6.13 -2.07
C TYR A 175 15.58 -5.94 -3.31
N ALA A 176 15.52 -6.89 -4.24
CA ALA A 176 16.36 -6.78 -5.46
C ALA A 176 16.05 -5.49 -6.26
N ASN A 177 14.78 -5.10 -6.33
CA ASN A 177 14.38 -3.91 -7.07
C ASN A 177 14.92 -2.62 -6.38
N MET A 178 14.86 -2.59 -5.04
CA MET A 178 15.49 -1.49 -4.27
C MET A 178 17.01 -1.39 -4.56
N LYS A 179 17.72 -2.53 -4.52
CA LYS A 179 19.19 -2.55 -4.77
C LYS A 179 19.53 -2.05 -6.17
N LYS A 180 18.70 -2.35 -7.16
CA LYS A 180 18.93 -1.89 -8.56
C LYS A 180 18.96 -0.34 -8.57
N ARG A 181 18.15 0.31 -7.72
CA ARG A 181 17.97 1.78 -7.74
C ARG A 181 18.93 2.58 -6.87
N GLU A 182 19.59 1.92 -5.91
CA GLU A 182 20.26 2.65 -4.84
C GLU A 182 21.38 3.53 -5.36
N GLY A 183 21.58 4.66 -4.69
CA GLY A 183 22.65 5.59 -5.05
C GLY A 183 24.05 5.09 -4.71
#